data_6BDP
#
_entry.id   6BDP
#
_cell.length_a   140.859
_cell.length_b   39.456
_cell.length_c   53.763
_cell.angle_alpha   90.00
_cell.angle_beta   90.00
_cell.angle_gamma   90.00
#
_symmetry.space_group_name_H-M   'P 21 21 2'
#
loop_
_entity.id
_entity.type
_entity.pdbx_description
1 polymer 'Sulfotransferase oxamniquine resistance protein'
2 non-polymer "ADENOSINE-3'-5'-DIPHOSPHATE"
3 non-polymer (4-{[(3R)-1-benzylpyrrolidin-3-yl]amino}-2-nitrophenyl)methanol
4 water water
#
_entity_poly.entity_id   1
_entity_poly.type   'polypeptide(L)'
_entity_poly.pdbx_seq_one_letter_code
;GAMIESSTTIQVISAGLPRTGTKSLKNALEIIYHKPCYHMFEIIFNKQSDIIKWQNLIHDSHMITTPPPLTTKTIAIYDK
LKELLDGYIATTDLPTCGFYKDLMNIYPNAKVLLTIRDKYDWLHSLRKVVLPKSNDPWKLKIEEGDKVLGLNSDFYKLTE
DSLKFAFQKDDLNFDDDQVLLECYDEYNRLVQETVPSDRLLVLRLGDGWEPLCKFLNVEIPNGIDYP(CAS)VNSHHQMT
QLTEQLIKYKSLDAIIHMFPDLI
;
_entity_poly.pdbx_strand_id   A
#
# COMPACT_ATOMS: atom_id res chain seq x y z
N GLY A 1 -22.65 -19.47 -2.47
CA GLY A 1 -23.13 -18.99 -1.15
C GLY A 1 -24.19 -17.93 -1.29
N ALA A 2 -24.85 -17.59 -0.18
CA ALA A 2 -25.85 -16.53 -0.21
C ALA A 2 -25.16 -15.18 -0.25
N MET A 3 -25.87 -14.20 -0.79
CA MET A 3 -25.42 -12.81 -0.80
C MET A 3 -25.91 -12.13 0.47
N ILE A 4 -24.98 -11.44 1.14
CA ILE A 4 -25.23 -10.74 2.39
C ILE A 4 -24.80 -9.30 2.25
N GLU A 5 -25.37 -8.44 3.09
CA GLU A 5 -25.17 -7.00 2.97
C GLU A 5 -24.03 -6.58 3.87
N SER A 6 -22.87 -6.30 3.27
CA SER A 6 -21.64 -6.00 3.98
C SER A 6 -21.60 -4.53 4.37
N SER A 7 -21.06 -4.26 5.55
CA SER A 7 -20.91 -2.90 6.03
C SER A 7 -19.76 -2.18 5.33
N THR A 8 -19.99 -0.94 4.91
CA THR A 8 -18.95 -0.13 4.30
C THR A 8 -18.12 0.52 5.40
N THR A 9 -17.17 -0.26 5.90
CA THR A 9 -16.20 0.17 6.90
C THR A 9 -14.97 -0.70 6.69
N ILE A 10 -13.86 -0.31 7.32
CA ILE A 10 -12.63 -1.08 7.18
C ILE A 10 -12.82 -2.47 7.77
N GLN A 11 -12.74 -3.47 6.92
CA GLN A 11 -12.87 -4.87 7.32
C GLN A 11 -11.56 -5.65 7.25
N VAL A 12 -10.58 -5.13 6.54
CA VAL A 12 -9.27 -5.77 6.34
C VAL A 12 -8.21 -4.68 6.40
N ILE A 13 -7.21 -4.90 7.25
CA ILE A 13 -6.04 -4.04 7.38
C ILE A 13 -4.85 -4.85 6.92
N SER A 14 -4.21 -4.46 5.82
CA SER A 14 -3.02 -5.17 5.37
C SER A 14 -1.76 -4.39 5.75
N ALA A 15 -0.93 -5.01 6.58
CA ALA A 15 0.30 -4.38 7.02
C ALA A 15 1.46 -4.56 6.05
N GLY A 16 1.26 -5.27 4.95
CA GLY A 16 2.35 -5.53 4.03
C GLY A 16 2.97 -4.26 3.47
N LEU A 17 4.28 -4.32 3.24
CA LEU A 17 5.02 -3.18 2.71
C LEU A 17 4.83 -3.06 1.18
N PRO A 18 5.10 -1.91 0.61
CA PRO A 18 5.02 -1.79 -0.85
C PRO A 18 5.92 -2.80 -1.53
N ARG A 19 5.48 -3.24 -2.72
CA ARG A 19 6.19 -4.22 -3.55
C ARG A 19 6.12 -5.63 -2.98
N THR A 20 5.06 -5.94 -2.23
CA THR A 20 4.77 -7.29 -1.75
C THR A 20 3.44 -7.84 -2.25
N GLY A 21 2.89 -7.32 -3.34
CA GLY A 21 1.59 -7.74 -3.83
C GLY A 21 0.43 -6.88 -3.34
N THR A 22 0.69 -5.63 -2.93
CA THR A 22 -0.38 -4.79 -2.36
C THR A 22 -1.42 -4.41 -3.40
N LYS A 23 -1.02 -4.12 -4.64
CA LYS A 23 -2.00 -3.71 -5.64
C LYS A 23 -2.90 -4.88 -6.05
N SER A 24 -2.30 -6.05 -6.21
CA SER A 24 -3.11 -7.23 -6.51
C SER A 24 -4.08 -7.51 -5.36
N LEU A 25 -3.61 -7.33 -4.11
CA LEU A 25 -4.49 -7.52 -2.97
C LEU A 25 -5.61 -6.47 -2.95
N LYS A 26 -5.27 -5.21 -3.22
CA LYS A 26 -6.30 -4.17 -3.34
C LYS A 26 -7.37 -4.58 -4.35
N ASN A 27 -6.94 -5.01 -5.53
CA ASN A 27 -7.87 -5.44 -6.56
C ASN A 27 -8.70 -6.62 -6.08
N ALA A 28 -8.06 -7.57 -5.41
CA ALA A 28 -8.75 -8.76 -4.92
C ALA A 28 -9.81 -8.40 -3.88
N LEU A 29 -9.47 -7.50 -2.95
CA LEU A 29 -10.43 -7.08 -1.95
C LEU A 29 -11.59 -6.32 -2.57
N GLU A 30 -11.35 -5.52 -3.61
CA GLU A 30 -12.44 -4.85 -4.31
C GLU A 30 -13.35 -5.84 -5.05
N ILE A 31 -12.78 -6.93 -5.58
CA ILE A 31 -13.58 -7.98 -6.21
C ILE A 31 -14.50 -8.64 -5.20
N ILE A 32 -13.98 -8.88 -3.99
CA ILE A 32 -14.77 -9.54 -2.95
C ILE A 32 -15.86 -8.61 -2.44
N TYR A 33 -15.50 -7.37 -2.11
CA TYR A 33 -16.38 -6.52 -1.32
C TYR A 33 -17.15 -5.48 -2.13
N HIS A 34 -16.74 -5.24 -3.37
CA HIS A 34 -17.44 -4.30 -4.26
C HIS A 34 -17.46 -2.88 -3.70
N LYS A 35 -16.44 -2.53 -2.93
CA LYS A 35 -16.23 -1.19 -2.40
C LYS A 35 -14.73 -0.93 -2.45
N PRO A 36 -14.30 0.33 -2.38
CA PRO A 36 -12.88 0.63 -2.60
C PRO A 36 -11.98 0.21 -1.46
N CYS A 37 -10.73 -0.10 -1.83
CA CYS A 37 -9.64 -0.41 -0.92
C CYS A 37 -8.55 0.66 -1.07
N TYR A 38 -8.01 1.14 0.05
CA TYR A 38 -6.98 2.17 -0.01
C TYR A 38 -5.65 1.57 -0.45
N HIS A 39 -4.83 2.39 -1.09
CA HIS A 39 -3.55 2.02 -1.71
C HIS A 39 -2.88 3.32 -2.11
N MET A 40 -1.56 3.30 -2.32
CA MET A 40 -0.92 4.52 -2.80
C MET A 40 -1.49 4.94 -4.15
N PHE A 41 -1.95 3.99 -4.97
CA PHE A 41 -2.54 4.34 -6.25
C PHE A 41 -3.83 5.13 -6.08
N GLU A 42 -4.55 4.91 -4.97
CA GLU A 42 -5.71 5.75 -4.68
C GLU A 42 -5.29 7.20 -4.55
N ILE A 43 -4.19 7.46 -3.84
CA ILE A 43 -3.69 8.82 -3.73
C ILE A 43 -3.28 9.35 -5.11
N ILE A 44 -2.44 8.59 -5.80
CA ILE A 44 -1.86 9.07 -7.07
C ILE A 44 -2.96 9.39 -8.06
N PHE A 45 -3.94 8.52 -8.18
CA PHE A 45 -4.89 8.62 -9.29
C PHE A 45 -6.21 9.27 -8.91
N ASN A 46 -6.62 9.24 -7.64
CA ASN A 46 -7.93 9.74 -7.24
C ASN A 46 -7.91 10.78 -6.14
N LYS A 47 -6.88 10.84 -5.30
CA LYS A 47 -6.94 11.66 -4.10
C LYS A 47 -5.59 12.30 -3.76
N GLN A 48 -5.02 13.04 -4.72
CA GLN A 48 -3.78 13.74 -4.42
C GLN A 48 -3.95 14.78 -3.32
N SER A 49 -5.17 15.26 -3.11
CA SER A 49 -5.46 16.15 -1.99
C SER A 49 -5.25 15.46 -0.64
N ASP A 50 -5.18 14.14 -0.61
CA ASP A 50 -4.92 13.43 0.63
C ASP A 50 -3.45 13.48 1.03
N ILE A 51 -2.54 13.86 0.11
CA ILE A 51 -1.12 13.80 0.43
C ILE A 51 -0.81 14.63 1.67
N ILE A 52 -1.25 15.89 1.69
CA ILE A 52 -0.95 16.79 2.80
C ILE A 52 -1.59 16.27 4.10
N LYS A 53 -2.73 15.61 4.00
CA LYS A 53 -3.40 15.09 5.18
C LYS A 53 -2.62 13.95 5.80
N TRP A 54 -2.14 13.00 4.98
CA TRP A 54 -1.28 11.95 5.50
C TRP A 54 0.03 12.50 6.06
N GLN A 55 0.59 13.50 5.39
CA GLN A 55 1.82 14.12 5.89
C GLN A 55 1.60 14.74 7.27
N ASN A 56 0.49 15.47 7.43
CA ASN A 56 0.17 16.07 8.73
C ASN A 56 0.00 14.99 9.79
N LEU A 57 -0.67 13.90 9.44
CA LEU A 57 -0.93 12.83 10.40
C LEU A 57 0.38 12.17 10.82
N ILE A 58 1.25 11.92 9.86
CA ILE A 58 2.56 11.39 10.21
C ILE A 58 3.34 12.36 11.09
N HIS A 59 3.29 13.66 10.76
CA HIS A 59 3.99 14.67 11.56
C HIS A 59 3.55 14.60 13.01
N ASP A 60 2.27 14.37 13.26
CA ASP A 60 1.73 14.33 14.61
C ASP A 60 1.79 12.93 15.23
N SER A 61 2.21 11.92 14.48
CA SER A 61 2.01 10.54 14.89
C SER A 61 2.83 10.15 16.12
N HIS A 62 3.94 10.84 16.41
CA HIS A 62 4.77 10.50 17.56
C HIS A 62 4.01 10.59 18.88
N MET A 63 2.87 11.30 18.90
CA MET A 63 2.12 11.53 20.12
C MET A 63 1.13 10.39 20.39
N THR A 71 -5.89 8.68 25.62
CA THR A 71 -5.10 9.89 25.42
C THR A 71 -5.85 10.88 24.53
N THR A 72 -5.86 12.15 24.94
CA THR A 72 -6.56 13.18 24.16
C THR A 72 -5.97 13.31 22.77
N LYS A 73 -4.65 13.51 22.70
CA LYS A 73 -3.99 13.71 21.40
C LYS A 73 -4.38 12.62 20.42
N THR A 74 -4.49 11.39 20.91
CA THR A 74 -4.80 10.25 20.05
C THR A 74 -6.15 10.40 19.36
N ILE A 75 -7.12 10.99 20.06
CA ILE A 75 -8.47 11.04 19.52
C ILE A 75 -8.51 11.90 18.27
N ALA A 76 -7.86 13.06 18.30
CA ALA A 76 -7.80 13.88 17.10
C ALA A 76 -7.15 13.11 15.96
N ILE A 77 -6.07 12.39 16.25
CA ILE A 77 -5.37 11.65 15.22
C ILE A 77 -6.24 10.51 14.71
N TYR A 78 -6.85 9.76 15.62
CA TYR A 78 -7.69 8.65 15.18
C TYR A 78 -8.89 9.15 14.37
N ASP A 79 -9.46 10.30 14.77
CA ASP A 79 -10.57 10.88 14.02
C ASP A 79 -10.13 11.22 12.59
N LYS A 80 -8.90 11.70 12.42
CA LYS A 80 -8.44 12.04 11.08
C LYS A 80 -8.12 10.79 10.26
N LEU A 81 -7.66 9.72 10.90
CA LEU A 81 -7.49 8.46 10.17
C LEU A 81 -8.83 7.93 9.70
N LYS A 82 -9.81 7.92 10.60
CA LYS A 82 -11.15 7.47 10.22
C LYS A 82 -11.69 8.32 9.08
N GLU A 83 -11.47 9.64 9.15
CA GLU A 83 -11.93 10.51 8.07
C GLU A 83 -11.29 10.14 6.74
N LEU A 84 -9.98 9.92 6.75
CA LEU A 84 -9.28 9.63 5.50
C LEU A 84 -9.79 8.34 4.89
N LEU A 85 -10.25 7.40 5.71
CA LEU A 85 -10.62 6.08 5.27
C LEU A 85 -12.13 5.92 5.13
N ASP A 86 -12.89 7.00 5.29
CA ASP A 86 -14.32 6.90 5.17
C ASP A 86 -14.71 6.40 3.78
N GLY A 87 -15.58 5.40 3.74
CA GLY A 87 -16.04 4.85 2.49
C GLY A 87 -15.21 3.72 1.93
N TYR A 88 -14.07 3.40 2.55
CA TYR A 88 -13.23 2.29 2.14
C TYR A 88 -13.52 1.07 3.00
N ILE A 89 -13.32 -0.10 2.39
CA ILE A 89 -13.51 -1.39 3.09
C ILE A 89 -12.20 -2.06 3.48
N ALA A 90 -11.05 -1.50 3.09
CA ALA A 90 -9.78 -2.10 3.47
C ALA A 90 -8.67 -1.09 3.25
N THR A 91 -7.53 -1.38 3.86
CA THR A 91 -6.31 -0.62 3.67
C THR A 91 -5.20 -1.54 3.19
N THR A 92 -4.36 -1.02 2.30
CA THR A 92 -3.10 -1.62 1.91
C THR A 92 -2.10 -0.50 1.70
N ASP A 93 -0.82 -0.88 1.69
CA ASP A 93 0.26 -0.06 1.12
C ASP A 93 0.64 1.11 2.02
N LEU A 94 1.77 1.74 1.71
CA LEU A 94 2.02 3.06 2.25
C LEU A 94 0.96 4.00 1.71
N PRO A 95 0.58 5.04 2.45
CA PRO A 95 1.07 5.41 3.78
C PRO A 95 0.40 4.66 4.95
N THR A 96 -0.61 3.84 4.67
CA THR A 96 -1.38 3.26 5.76
C THR A 96 -0.62 2.22 6.56
N CYS A 97 0.31 1.48 5.94
CA CYS A 97 0.65 0.22 6.59
C CYS A 97 1.35 0.44 7.93
N GLY A 98 2.09 1.54 8.09
CA GLY A 98 2.71 1.86 9.37
C GLY A 98 1.72 2.11 10.50
N PHE A 99 0.48 2.47 10.16
CA PHE A 99 -0.59 2.72 11.13
C PHE A 99 -1.36 1.46 11.52
N TYR A 100 -0.85 0.28 11.19
CA TYR A 100 -1.67 -0.92 11.34
C TYR A 100 -2.15 -1.12 12.78
N LYS A 101 -1.30 -0.82 13.78
CA LYS A 101 -1.71 -0.99 15.17
C LYS A 101 -2.84 -0.03 15.54
N ASP A 102 -2.75 1.21 15.07
CA ASP A 102 -3.81 2.18 15.34
C ASP A 102 -5.08 1.81 14.61
N LEU A 103 -4.97 1.35 13.37
CA LEU A 103 -6.14 0.90 12.64
C LEU A 103 -6.83 -0.27 13.35
N MET A 104 -6.06 -1.17 13.96
CA MET A 104 -6.65 -2.26 14.70
C MET A 104 -7.50 -1.75 15.87
N ASN A 105 -7.07 -0.65 16.48
CA ASN A 105 -7.85 -0.08 17.59
C ASN A 105 -9.10 0.61 17.09
N ILE A 106 -8.99 1.35 15.99
CA ILE A 106 -10.10 2.11 15.42
C ILE A 106 -11.17 1.18 14.87
N TYR A 107 -10.75 0.05 14.28
CA TYR A 107 -11.64 -0.91 13.64
C TYR A 107 -11.42 -2.25 14.33
N PRO A 108 -11.98 -2.44 15.52
CA PRO A 108 -11.69 -3.67 16.29
C PRO A 108 -12.22 -4.93 15.65
N ASN A 109 -13.15 -4.81 14.70
CA ASN A 109 -13.70 -5.97 14.02
C ASN A 109 -13.05 -6.23 12.67
N ALA A 110 -11.99 -5.50 12.34
CA ALA A 110 -11.23 -5.74 11.12
C ALA A 110 -10.19 -6.82 11.36
N LYS A 111 -9.94 -7.59 10.31
CA LYS A 111 -8.89 -8.60 10.33
C LYS A 111 -7.65 -8.06 9.66
N VAL A 112 -6.50 -8.66 9.98
CA VAL A 112 -5.19 -8.12 9.59
C VAL A 112 -4.50 -9.11 8.68
N LEU A 113 -3.91 -8.58 7.61
CA LEU A 113 -3.12 -9.33 6.64
C LEU A 113 -1.68 -8.84 6.67
N LEU A 114 -0.76 -9.73 6.32
CA LEU A 114 0.62 -9.33 6.07
C LEU A 114 1.07 -10.03 4.80
N THR A 115 1.39 -9.24 3.78
CA THR A 115 1.96 -9.73 2.53
C THR A 115 3.48 -9.70 2.64
N ILE A 116 4.12 -10.81 2.28
CA ILE A 116 5.57 -10.94 2.40
C ILE A 116 6.11 -11.63 1.15
N ARG A 117 7.43 -11.53 0.97
CA ARG A 117 8.13 -12.18 -0.14
C ARG A 117 9.62 -12.22 0.19
N ASP A 118 10.36 -12.90 -0.66
CA ASP A 118 11.83 -12.90 -0.60
C ASP A 118 12.36 -11.47 -0.53
N LYS A 119 13.26 -11.24 0.44
CA LYS A 119 13.72 -9.88 0.73
C LYS A 119 14.50 -9.27 -0.43
N TYR A 120 15.30 -10.08 -1.13
CA TYR A 120 16.05 -9.55 -2.27
C TYR A 120 15.16 -9.23 -3.46
N ASP A 121 14.18 -10.09 -3.74
CA ASP A 121 13.20 -9.74 -4.77
C ASP A 121 12.49 -8.44 -4.41
N TRP A 122 12.14 -8.28 -3.13
CA TRP A 122 11.49 -7.06 -2.68
C TRP A 122 12.39 -5.85 -2.92
N LEU A 123 13.65 -5.92 -2.47
CA LEU A 123 14.53 -4.78 -2.65
C LEU A 123 14.70 -4.43 -4.12
N HIS A 124 14.89 -5.45 -4.96
CA HIS A 124 15.06 -5.21 -6.39
C HIS A 124 13.84 -4.49 -6.97
N SER A 125 12.64 -4.95 -6.59
CA SER A 125 11.40 -4.33 -7.04
C SER A 125 11.30 -2.90 -6.53
N LEU A 126 11.62 -2.70 -5.24
CA LEU A 126 11.58 -1.37 -4.66
C LEU A 126 12.50 -0.42 -5.40
N ARG A 127 13.71 -0.88 -5.75
CA ARG A 127 14.67 0.00 -6.42
C ARG A 127 14.25 0.34 -7.84
N LYS A 128 13.46 -0.51 -8.49
CA LYS A 128 13.00 -0.26 -9.85
C LYS A 128 11.81 0.69 -9.91
N VAL A 129 11.03 0.81 -8.84
CA VAL A 129 9.73 1.47 -8.89
C VAL A 129 9.62 2.64 -7.91
N VAL A 130 9.96 2.41 -6.64
CA VAL A 130 9.65 3.35 -5.57
C VAL A 130 10.85 4.18 -5.20
N LEU A 131 12.01 3.54 -5.09
CA LEU A 131 13.16 4.15 -4.44
C LEU A 131 14.46 3.75 -5.15
N PRO A 132 14.65 4.18 -6.39
CA PRO A 132 15.96 3.99 -7.01
C PRO A 132 17.03 4.74 -6.22
N LYS A 133 18.26 4.24 -6.31
CA LYS A 133 19.38 4.93 -5.69
C LYS A 133 19.61 6.28 -6.36
N SER A 134 20.21 7.21 -5.60
CA SER A 134 20.39 8.58 -6.07
C SER A 134 21.11 8.66 -7.40
N ASN A 135 22.07 7.76 -7.64
CA ASN A 135 22.92 7.83 -8.82
C ASN A 135 22.43 6.92 -9.93
N ASP A 136 21.26 6.30 -9.77
CA ASP A 136 20.70 5.46 -10.81
C ASP A 136 20.06 6.35 -11.88
N PRO A 137 20.50 6.28 -13.14
CA PRO A 137 19.87 7.13 -14.17
C PRO A 137 18.38 6.90 -14.31
N TRP A 138 17.87 5.74 -13.93
CA TRP A 138 16.45 5.50 -14.04
C TRP A 138 15.64 6.45 -13.16
N LYS A 139 16.25 6.93 -12.08
CA LYS A 139 15.56 7.85 -11.19
C LYS A 139 15.07 9.09 -11.95
N LEU A 140 15.87 9.58 -12.90
CA LEU A 140 15.44 10.76 -13.64
C LEU A 140 14.22 10.48 -14.51
N LYS A 141 14.15 9.29 -15.09
CA LYS A 141 12.98 8.92 -15.89
C LYS A 141 11.74 8.79 -15.02
N ILE A 142 11.88 8.13 -13.87
CA ILE A 142 10.79 8.04 -12.90
C ILE A 142 10.25 9.44 -12.59
N GLU A 143 11.16 10.38 -12.31
CA GLU A 143 10.73 11.71 -11.94
C GLU A 143 10.06 12.43 -13.11
N GLU A 144 10.55 12.20 -14.33
CA GLU A 144 9.93 12.82 -15.49
C GLU A 144 8.51 12.31 -15.70
N GLY A 145 8.32 10.99 -15.58
CA GLY A 145 6.99 10.43 -15.73
C GLY A 145 6.05 10.91 -14.64
N ASP A 146 6.56 11.04 -13.41
CA ASP A 146 5.71 11.45 -12.30
C ASP A 146 5.17 12.86 -12.50
N LYS A 147 5.97 13.76 -13.10
CA LYS A 147 5.48 15.11 -13.32
C LYS A 147 4.28 15.12 -14.24
N VAL A 148 4.22 14.19 -15.19
CA VAL A 148 3.05 14.11 -16.05
C VAL A 148 1.79 13.89 -15.23
N LEU A 149 1.91 13.17 -14.10
CA LEU A 149 0.79 12.87 -13.21
C LEU A 149 0.53 13.96 -12.18
N GLY A 150 1.28 15.05 -12.18
CA GLY A 150 1.13 16.08 -11.18
C GLY A 150 1.76 15.77 -9.85
N LEU A 151 2.64 14.77 -9.77
CA LEU A 151 3.32 14.40 -8.54
C LEU A 151 4.58 15.26 -8.39
N ASN A 152 4.75 15.83 -7.21
CA ASN A 152 5.81 16.78 -6.93
C ASN A 152 6.62 16.29 -5.72
N SER A 153 7.50 17.15 -5.21
CA SER A 153 8.40 16.72 -4.15
C SER A 153 7.64 16.32 -2.88
N ASP A 154 6.42 16.84 -2.69
CA ASP A 154 5.63 16.44 -1.52
C ASP A 154 5.18 15.00 -1.60
N PHE A 155 4.96 14.49 -2.81
CA PHE A 155 4.66 13.07 -2.96
C PHE A 155 5.83 12.21 -2.52
N TYR A 156 7.05 12.58 -2.94
CA TYR A 156 8.22 11.82 -2.54
C TYR A 156 8.48 11.94 -1.04
N LYS A 157 8.20 13.12 -0.48
CA LYS A 157 8.32 13.28 0.96
C LYS A 157 7.36 12.36 1.70
N LEU A 158 6.11 12.24 1.22
CA LEU A 158 5.17 11.33 1.87
C LEU A 158 5.64 9.89 1.80
N THR A 159 6.18 9.47 0.65
CA THR A 159 6.72 8.11 0.56
C THR A 159 7.85 7.91 1.57
N GLU A 160 8.81 8.83 1.59
CA GLU A 160 9.92 8.73 2.53
C GLU A 160 9.46 8.74 3.97
N ASP A 161 8.59 9.69 4.32
CA ASP A 161 8.18 9.81 5.71
C ASP A 161 7.29 8.66 6.13
N SER A 162 6.51 8.10 5.19
CA SER A 162 5.67 6.97 5.57
C SER A 162 6.49 5.71 5.72
N LEU A 163 7.60 5.61 4.98
CA LEU A 163 8.52 4.49 5.17
C LEU A 163 9.29 4.62 6.48
N LYS A 164 9.78 5.83 6.79
CA LYS A 164 10.41 6.07 8.08
C LYS A 164 9.47 5.73 9.23
N PHE A 165 8.20 6.13 9.11
CA PHE A 165 7.22 5.86 10.17
C PHE A 165 6.97 4.36 10.30
N ALA A 166 6.84 3.64 9.18
CA ALA A 166 6.63 2.20 9.24
C ALA A 166 7.80 1.49 9.89
N PHE A 167 9.02 1.91 9.55
CA PHE A 167 10.23 1.32 10.10
C PHE A 167 10.64 1.91 11.45
N GLN A 168 9.90 2.90 11.94
CA GLN A 168 10.14 3.47 13.28
C GLN A 168 11.55 4.06 13.39
N LYS A 169 11.93 4.81 12.35
CA LYS A 169 13.24 5.46 12.28
C LYS A 169 13.08 6.97 12.18
N ASP A 170 13.93 7.70 12.91
CA ASP A 170 13.93 9.16 12.81
C ASP A 170 14.49 9.62 11.48
N ASP A 171 15.50 8.92 10.97
CA ASP A 171 15.98 9.14 9.62
C ASP A 171 16.41 7.80 9.03
N LEU A 172 16.75 7.82 7.75
CA LEU A 172 16.96 6.58 7.03
C LEU A 172 17.85 6.87 5.83
N ASN A 173 18.92 6.10 5.68
CA ASN A 173 19.78 6.22 4.51
C ASN A 173 19.13 5.44 3.38
N PHE A 174 18.32 6.13 2.58
CA PHE A 174 17.54 5.46 1.54
C PHE A 174 18.40 4.78 0.49
N ASP A 175 19.64 5.22 0.31
CA ASP A 175 20.54 4.61 -0.67
C ASP A 175 21.27 3.39 -0.14
N ASP A 176 20.98 2.94 1.08
CA ASP A 176 21.71 1.86 1.73
C ASP A 176 20.87 0.58 1.73
N ASP A 177 21.20 -0.33 0.80
CA ASP A 177 20.47 -1.60 0.69
C ASP A 177 20.46 -2.37 2.00
N GLN A 178 21.58 -2.43 2.72
CA GLN A 178 21.63 -3.20 3.95
C GLN A 178 20.64 -2.67 4.97
N VAL A 179 20.55 -1.34 5.09
CA VAL A 179 19.58 -0.73 5.99
C VAL A 179 18.17 -1.12 5.61
N LEU A 180 17.84 -1.04 4.32
CA LEU A 180 16.48 -1.33 3.88
C LEU A 180 16.13 -2.79 4.14
N LEU A 181 17.07 -3.69 3.86
CA LEU A 181 16.82 -5.11 4.09
C LEU A 181 16.61 -5.42 5.57
N GLU A 182 17.42 -4.83 6.46
CA GLU A 182 17.23 -5.03 7.89
C GLU A 182 15.87 -4.49 8.33
N CYS A 183 15.49 -3.32 7.82
CA CYS A 183 14.21 -2.76 8.21
C CYS A 183 13.05 -3.62 7.71
N TYR A 184 13.15 -4.14 6.50
CA TYR A 184 12.10 -5.02 5.98
C TYR A 184 11.93 -6.24 6.86
N ASP A 185 13.03 -6.93 7.17
CA ASP A 185 12.95 -8.11 8.01
C ASP A 185 12.39 -7.78 9.38
N GLU A 186 12.87 -6.68 9.99
CA GLU A 186 12.42 -6.31 11.32
C GLU A 186 10.94 -5.94 11.32
N TYR A 187 10.50 -5.22 10.29
CA TYR A 187 9.10 -4.85 10.20
C TYR A 187 8.20 -6.08 10.14
N ASN A 188 8.51 -7.00 9.23
CA ASN A 188 7.68 -8.18 9.09
C ASN A 188 7.68 -9.03 10.35
N ARG A 189 8.81 -9.08 11.03
CA ARG A 189 8.90 -9.86 12.26
C ARG A 189 8.03 -9.21 13.34
N LEU A 190 8.07 -7.89 13.40
CA LEU A 190 7.32 -7.18 14.43
C LEU A 190 5.81 -7.30 14.24
N VAL A 191 5.32 -7.28 12.98
CA VAL A 191 3.89 -7.48 12.75
C VAL A 191 3.47 -8.82 13.31
N GLN A 192 4.25 -9.86 13.05
CA GLN A 192 3.87 -11.19 13.48
C GLN A 192 3.96 -11.33 14.98
N GLU A 193 4.78 -10.52 15.63
CA GLU A 193 4.87 -10.59 17.08
C GLU A 193 3.80 -9.74 17.77
N THR A 194 3.21 -8.80 17.05
CA THR A 194 2.26 -7.84 17.61
C THR A 194 0.83 -8.32 17.46
N VAL A 195 0.47 -8.82 16.28
CA VAL A 195 -0.93 -9.13 15.99
C VAL A 195 -1.23 -10.52 16.52
N PRO A 196 -2.29 -10.69 17.33
CA PRO A 196 -2.68 -12.05 17.71
C PRO A 196 -2.91 -12.92 16.47
N SER A 197 -2.41 -14.15 16.53
CA SER A 197 -2.46 -15.02 15.36
C SER A 197 -3.89 -15.23 14.86
N ASP A 198 -4.86 -15.29 15.78
CA ASP A 198 -6.26 -15.43 15.35
C ASP A 198 -6.66 -14.31 14.41
N ARG A 199 -6.01 -13.14 14.51
CA ARG A 199 -6.42 -11.97 13.76
C ARG A 199 -5.51 -11.69 12.57
N LEU A 200 -4.53 -12.55 12.28
CA LEU A 200 -3.53 -12.29 11.26
C LEU A 200 -3.49 -13.44 10.25
N LEU A 201 -3.41 -13.08 8.97
CA LEU A 201 -3.13 -14.02 7.89
C LEU A 201 -1.89 -13.53 7.15
N VAL A 202 -0.86 -14.37 7.11
CA VAL A 202 0.35 -14.09 6.33
C VAL A 202 0.17 -14.66 4.94
N LEU A 203 0.29 -13.79 3.94
CA LEU A 203 0.16 -14.13 2.53
C LEU A 203 1.52 -13.99 1.83
N ARG A 204 1.92 -15.01 1.12
CA ARG A 204 3.07 -14.97 0.23
C ARG A 204 2.60 -14.83 -1.20
N LEU A 205 3.43 -14.18 -2.04
CA LEU A 205 3.06 -14.06 -3.46
C LEU A 205 2.81 -15.44 -4.04
N GLY A 206 1.72 -15.58 -4.77
CA GLY A 206 1.35 -16.86 -5.34
C GLY A 206 0.27 -17.59 -4.57
N ASP A 207 -0.04 -17.16 -3.33
CA ASP A 207 -1.00 -17.90 -2.51
C ASP A 207 -2.40 -17.89 -3.09
N GLY A 208 -2.77 -16.82 -3.79
CA GLY A 208 -4.04 -16.77 -4.49
C GLY A 208 -5.23 -16.54 -3.58
N TRP A 209 -6.39 -16.98 -4.05
CA TRP A 209 -7.66 -16.67 -3.39
C TRP A 209 -7.87 -17.47 -2.11
N GLU A 210 -7.52 -18.75 -2.12
CA GLU A 210 -8.13 -19.66 -1.13
C GLU A 210 -7.84 -19.30 0.32
N PRO A 211 -6.60 -19.06 0.75
CA PRO A 211 -6.41 -18.70 2.18
C PRO A 211 -7.06 -17.40 2.54
N LEU A 212 -7.06 -16.45 1.60
CA LEU A 212 -7.68 -15.16 1.85
C LEU A 212 -9.18 -15.30 2.06
N CYS A 213 -9.85 -15.99 1.14
CA CYS A 213 -11.30 -16.12 1.22
C CYS A 213 -11.73 -16.92 2.44
N LYS A 214 -10.96 -17.94 2.82
CA LYS A 214 -11.26 -18.71 4.03
C LYS A 214 -11.18 -17.81 5.26
N PHE A 215 -10.15 -16.98 5.33
CA PHE A 215 -9.94 -16.08 6.45
C PHE A 215 -11.08 -15.06 6.56
N LEU A 216 -11.65 -14.66 5.43
CA LEU A 216 -12.68 -13.64 5.38
C LEU A 216 -14.10 -14.21 5.32
N ASN A 217 -14.23 -15.53 5.32
CA ASN A 217 -15.54 -16.20 5.28
C ASN A 217 -16.35 -15.81 4.04
N VAL A 218 -15.69 -15.70 2.90
CA VAL A 218 -16.36 -15.43 1.64
C VAL A 218 -16.06 -16.55 0.65
N GLU A 219 -16.94 -16.69 -0.32
CA GLU A 219 -16.69 -17.60 -1.42
C GLU A 219 -15.58 -17.07 -2.30
N ILE A 220 -14.90 -17.99 -2.96
CA ILE A 220 -13.92 -17.61 -3.98
C ILE A 220 -14.67 -17.00 -5.16
N PRO A 221 -14.29 -15.83 -5.64
CA PRO A 221 -15.00 -15.24 -6.78
C PRO A 221 -15.05 -16.19 -7.96
N ASN A 222 -16.25 -16.39 -8.47
CA ASN A 222 -16.49 -17.39 -9.51
C ASN A 222 -15.92 -16.90 -10.84
N GLY A 223 -15.01 -17.68 -11.41
CA GLY A 223 -14.47 -17.41 -12.74
C GLY A 223 -13.49 -16.27 -12.83
N ILE A 224 -13.00 -15.75 -11.70
CA ILE A 224 -12.08 -14.63 -11.68
C ILE A 224 -10.78 -15.13 -11.09
N ASP A 225 -9.70 -15.03 -11.86
CA ASP A 225 -8.39 -15.40 -11.34
C ASP A 225 -7.91 -14.36 -10.33
N TYR A 226 -7.08 -14.82 -9.41
CA TYR A 226 -6.51 -13.89 -8.46
C TYR A 226 -5.65 -12.87 -9.21
N PRO A 227 -5.76 -11.59 -8.89
CA PRO A 227 -5.00 -10.59 -9.65
C PRO A 227 -3.47 -10.72 -9.64
N VAL A 229 -0.87 -7.96 -10.91
CA VAL A 229 -0.64 -6.67 -11.54
C VAL A 229 0.48 -5.94 -10.83
N ASN A 230 1.03 -4.92 -11.49
CA ASN A 230 1.98 -4.01 -10.87
C ASN A 230 3.38 -4.62 -10.77
N SER A 231 3.77 -5.44 -11.74
CA SER A 231 5.16 -5.88 -11.82
C SER A 231 6.06 -4.69 -12.15
N HIS A 232 7.31 -4.79 -11.72
CA HIS A 232 8.23 -3.70 -12.04
C HIS A 232 8.36 -3.53 -13.56
N HIS A 233 8.30 -4.61 -14.33
CA HIS A 233 8.31 -4.47 -15.78
C HIS A 233 7.16 -3.61 -16.26
N GLN A 234 5.96 -3.85 -15.73
CA GLN A 234 4.80 -3.07 -16.12
C GLN A 234 4.94 -1.60 -15.71
N MET A 235 5.51 -1.33 -14.53
CA MET A 235 5.72 0.04 -14.08
C MET A 235 6.74 0.76 -14.95
N THR A 236 7.77 0.04 -15.39
CA THR A 236 8.74 0.63 -16.30
C THR A 236 8.06 1.06 -17.59
N GLN A 237 7.17 0.22 -18.13
CA GLN A 237 6.41 0.59 -19.32
C GLN A 237 5.51 1.79 -19.07
N LEU A 238 4.86 1.83 -17.91
CA LEU A 238 4.01 2.97 -17.59
C LEU A 238 4.81 4.26 -17.57
N THR A 239 5.97 4.26 -16.90
CA THR A 239 6.81 5.45 -16.87
C THR A 239 7.25 5.86 -18.27
N GLU A 240 7.67 4.89 -19.09
CA GLU A 240 8.15 5.24 -20.43
C GLU A 240 7.01 5.78 -21.29
N GLN A 241 5.81 5.24 -21.12
CA GLN A 241 4.69 5.71 -21.94
C GLN A 241 4.19 7.07 -21.47
N LEU A 242 4.25 7.35 -20.18
CA LEU A 242 3.96 8.70 -19.71
C LEU A 242 4.93 9.70 -20.30
N ILE A 243 6.21 9.35 -20.32
CA ILE A 243 7.21 10.23 -20.92
C ILE A 243 6.92 10.43 -22.41
N LYS A 244 6.57 9.34 -23.11
CA LYS A 244 6.40 9.39 -24.55
C LYS A 244 5.20 10.25 -24.94
N TYR A 245 4.06 10.07 -24.28
CA TYR A 245 2.82 10.73 -24.68
C TYR A 245 2.49 11.97 -23.89
N LYS A 246 3.08 12.14 -22.72
CA LYS A 246 2.97 13.33 -21.89
C LYS A 246 1.57 13.54 -21.29
N SER A 247 0.81 12.45 -21.16
CA SER A 247 -0.43 12.51 -20.40
C SER A 247 -0.82 11.10 -20.00
N LEU A 248 -1.55 11.01 -18.89
CA LEU A 248 -2.16 9.75 -18.50
C LEU A 248 -3.30 9.36 -19.43
N ASP A 249 -4.16 10.32 -19.80
CA ASP A 249 -5.37 9.92 -20.51
C ASP A 249 -5.09 9.42 -21.91
N ALA A 250 -3.95 9.81 -22.49
CA ALA A 250 -3.57 9.27 -23.79
C ALA A 250 -3.21 7.80 -23.74
N ILE A 251 -2.81 7.27 -22.58
CA ILE A 251 -2.28 5.92 -22.47
C ILE A 251 -3.07 5.02 -21.55
N ILE A 252 -4.06 5.55 -20.83
CA ILE A 252 -4.67 4.80 -19.72
C ILE A 252 -5.37 3.55 -20.22
N HIS A 253 -5.88 3.58 -21.45
CA HIS A 253 -6.54 2.40 -22.00
C HIS A 253 -5.57 1.23 -22.20
N MET A 254 -4.26 1.47 -22.12
CA MET A 254 -3.25 0.43 -22.28
C MET A 254 -2.88 -0.25 -20.96
N PHE A 255 -3.42 0.20 -19.84
CA PHE A 255 -3.08 -0.30 -18.51
C PHE A 255 -4.36 -0.60 -17.73
N PRO A 256 -5.15 -1.56 -18.20
CA PRO A 256 -6.52 -1.74 -17.68
C PRO A 256 -6.69 -2.05 -16.19
N ASP A 257 -6.14 -3.13 -15.69
CA ASP A 257 -6.33 -3.42 -14.26
C ASP A 257 -5.32 -2.76 -13.29
N LEU A 258 -4.20 -2.25 -13.78
CA LEU A 258 -3.26 -1.55 -12.95
C LEU A 258 -3.79 -0.17 -12.59
N ILE A 259 -4.44 0.50 -13.54
CA ILE A 259 -4.91 1.86 -13.31
C ILE A 259 -6.42 1.91 -13.40
#